data_7XNG
#
_entry.id   7XNG
#
_cell.length_a   60.119
_cell.length_b   75.309
_cell.length_c   123.489
_cell.angle_alpha   90.000
_cell.angle_beta   90.000
_cell.angle_gamma   90.000
#
_symmetry.space_group_name_H-M   'C 2 2 21'
#
loop_
_entity.id
_entity.type
_entity.pdbx_description
1 polymer 'CREB-binding protein'
2 non-polymer '3-[(1-ethanoylindol-3-yl)carbonylamino]-5-[[(2S)-oxan-2-yl]oxymethyl]benzoic acid'
3 non-polymer GLYCEROL
4 non-polymer DI(HYDROXYETHYL)ETHER
5 water water
#
_entity_poly.entity_id   1
_entity_poly.type   'polypeptide(L)'
_entity_poly.pdbx_seq_one_letter_code
;MKKGHHHHHHLVPRGSRKKIFKPEELRQALMPTLEALYRQDPESLPFRQPVDPQLLGIPDYFDIVKNPMDLSTIKRKLDT
GQYQEPWQYVDDVWLMFNNAWLYNRKTSRVYKFCSKLAEVFEQEIDPVMQSLG
;
_entity_poly.pdbx_strand_id   A,B
#
loop_
_chem_comp.id
_chem_comp.type
_chem_comp.name
_chem_comp.formula
GI5 non-polymer '3-[(1-ethanoylindol-3-yl)carbonylamino]-5-[[(2S)-oxan-2-yl]oxymethyl]benzoic acid' 'C24 H24 N2 O6'
GOL non-polymer GLYCEROL 'C3 H8 O3'
PEG non-polymer DI(HYDROXYETHYL)ETHER 'C4 H10 O3'
#
# COMPACT_ATOMS: atom_id res chain seq x y z
N ILE A 20 -11.51 -27.08 -1.17
CA ILE A 20 -11.16 -26.62 -2.55
C ILE A 20 -11.07 -25.08 -2.65
N PHE A 21 -10.28 -24.47 -1.75
CA PHE A 21 -10.09 -22.99 -1.68
C PHE A 21 -9.53 -22.38 -2.96
N LYS A 22 -10.29 -21.47 -3.56
CA LYS A 22 -9.90 -20.81 -4.80
C LYS A 22 -9.17 -19.52 -4.44
N PRO A 23 -8.17 -19.10 -5.25
CA PRO A 23 -7.34 -17.91 -4.95
C PRO A 23 -8.08 -16.63 -4.51
N GLU A 24 -9.11 -16.27 -5.27
CA GLU A 24 -9.95 -15.10 -4.94
C GLU A 24 -10.85 -15.28 -3.71
N GLU A 25 -11.18 -16.52 -3.32
CA GLU A 25 -11.88 -16.78 -2.03
C GLU A 25 -10.97 -16.52 -0.80
N LEU A 26 -9.74 -17.02 -0.87
CA LEU A 26 -8.74 -16.76 0.17
C LEU A 26 -8.39 -15.29 0.29
N ARG A 27 -8.12 -14.68 -0.87
CA ARG A 27 -7.90 -13.24 -0.97
C ARG A 27 -9.03 -12.44 -0.28
N GLN A 28 -10.30 -12.71 -0.56
CA GLN A 28 -11.39 -11.91 0.07
C GLN A 28 -11.50 -12.14 1.58
N ALA A 29 -11.36 -13.38 2.00
CA ALA A 29 -11.48 -13.76 3.40
C ALA A 29 -10.31 -13.25 4.25
N LEU A 30 -9.10 -13.42 3.74
CA LEU A 30 -7.87 -13.13 4.49
C LEU A 30 -7.34 -11.71 4.40
N MET A 31 -7.59 -11.03 3.29
CA MET A 31 -7.01 -9.71 3.04
C MET A 31 -7.42 -8.64 4.07
N PRO A 32 -8.65 -8.70 4.60
CA PRO A 32 -9.01 -7.89 5.78
C PRO A 32 -8.05 -7.99 6.96
N THR A 33 -7.50 -9.18 7.21
CA THR A 33 -6.52 -9.35 8.27
C THR A 33 -5.19 -8.74 7.87
N LEU A 34 -4.84 -8.80 6.60
CA LEU A 34 -3.65 -8.14 6.12
C LEU A 34 -3.79 -6.60 6.18
N GLU A 35 -5.00 -6.08 5.94
CA GLU A 35 -5.28 -4.65 6.04
C GLU A 35 -5.13 -4.15 7.47
N ALA A 36 -5.62 -4.93 8.42
CA ALA A 36 -5.52 -4.57 9.80
C ALA A 36 -4.05 -4.47 10.26
N LEU A 37 -3.16 -5.20 9.58
CA LEU A 37 -1.74 -5.13 9.88
C LEU A 37 -1.16 -3.84 9.33
N TYR A 38 -1.39 -3.58 8.04
CA TYR A 38 -1.02 -2.29 7.41
C TYR A 38 -1.58 -1.06 8.13
N ARG A 39 -2.78 -1.16 8.69
CA ARG A 39 -3.38 -0.05 9.49
C ARG A 39 -2.65 0.29 10.79
N GLN A 40 -1.71 -0.52 11.20
CA GLN A 40 -0.89 -0.20 12.36
C GLN A 40 0.26 0.67 11.84
N ASP A 41 0.22 1.93 12.26
CA ASP A 41 1.17 2.96 11.88
C ASP A 41 1.52 3.64 13.22
N PRO A 42 2.77 3.56 13.67
CA PRO A 42 3.92 3.17 12.88
C PRO A 42 4.29 1.66 12.91
N GLU A 43 3.52 0.83 13.59
CA GLU A 43 4.05 -0.51 13.92
C GLU A 43 4.31 -1.40 12.70
N SER A 44 3.51 -1.26 11.64
CA SER A 44 3.74 -2.03 10.43
C SER A 44 4.85 -1.49 9.55
N LEU A 45 5.38 -0.30 9.82
CA LEU A 45 6.28 0.34 8.86
C LEU A 45 7.54 -0.46 8.51
N PRO A 46 8.22 -1.01 9.54
CA PRO A 46 9.37 -1.87 9.27
C PRO A 46 9.08 -3.25 8.66
N PHE A 47 7.81 -3.57 8.45
CA PHE A 47 7.35 -4.88 8.00
C PHE A 47 6.78 -4.85 6.56
N ARG A 48 6.72 -3.65 5.97
CA ARG A 48 6.03 -3.45 4.69
C ARG A 48 6.91 -3.77 3.49
N GLN A 49 8.19 -3.99 3.73
CA GLN A 49 9.12 -4.39 2.68
C GLN A 49 10.16 -5.37 3.23
N PRO A 50 10.84 -6.13 2.34
CA PRO A 50 11.83 -7.09 2.83
C PRO A 50 12.95 -6.42 3.59
N VAL A 51 13.38 -7.01 4.70
CA VAL A 51 14.53 -6.48 5.42
C VAL A 51 15.74 -6.48 4.48
N ASP A 52 16.37 -5.30 4.31
CA ASP A 52 17.62 -5.13 3.52
C ASP A 52 18.83 -4.74 4.41
N PRO A 53 19.68 -5.73 4.75
CA PRO A 53 20.83 -5.53 5.65
C PRO A 53 21.80 -4.40 5.30
N GLN A 54 22.07 -4.20 4.02
CA GLN A 54 23.02 -3.18 3.61
C GLN A 54 22.40 -1.84 3.92
N LEU A 55 21.18 -1.61 3.41
CA LEU A 55 20.50 -0.32 3.62
C LEU A 55 20.27 -0.03 5.11
N LEU A 56 20.02 -1.06 5.91
CA LEU A 56 19.77 -0.91 7.35
C LEU A 56 21.00 -1.10 8.25
N GLY A 57 22.14 -1.46 7.67
CA GLY A 57 23.38 -1.68 8.43
C GLY A 57 23.33 -2.80 9.47
N ILE A 58 22.93 -4.00 9.04
CA ILE A 58 22.80 -5.16 9.94
C ILE A 58 23.28 -6.43 9.22
N PRO A 59 24.60 -6.54 8.99
CA PRO A 59 25.11 -7.63 8.13
C PRO A 59 24.97 -9.05 8.68
N ASP A 60 24.70 -9.19 9.98
CA ASP A 60 24.40 -10.49 10.60
C ASP A 60 22.93 -10.96 10.49
N TYR A 61 22.04 -10.14 9.90
CA TYR A 61 20.60 -10.50 9.80
C TYR A 61 20.37 -11.91 9.26
N PHE A 62 20.97 -12.26 8.11
CA PHE A 62 20.76 -13.58 7.48
C PHE A 62 21.55 -14.74 8.11
N ASP A 63 22.62 -14.41 8.85
CA ASP A 63 23.27 -15.39 9.72
C ASP A 63 22.35 -15.76 10.87
N ILE A 64 21.39 -14.88 11.23
CA ILE A 64 20.37 -15.20 12.25
C ILE A 64 19.00 -15.62 11.67
N VAL A 65 18.51 -14.94 10.64
CA VAL A 65 17.19 -15.26 10.05
C VAL A 65 17.34 -15.94 8.68
N LYS A 66 16.81 -17.16 8.55
CA LYS A 66 16.99 -18.00 7.33
C LYS A 66 15.83 -17.93 6.36
N ASN A 67 14.60 -17.87 6.88
CA ASN A 67 13.38 -17.79 6.11
C ASN A 67 12.72 -16.40 6.32
N PRO A 68 13.32 -15.35 5.73
CA PRO A 68 12.71 -14.01 5.92
C PRO A 68 11.32 -13.87 5.29
N MET A 69 10.49 -13.07 5.94
CA MET A 69 9.13 -12.83 5.54
C MET A 69 8.75 -11.38 5.83
N ASP A 70 7.91 -10.81 4.97
CA ASP A 70 7.36 -9.46 5.15
C ASP A 70 5.99 -9.33 4.49
N LEU A 71 5.33 -8.22 4.81
CA LEU A 71 3.96 -7.99 4.37
C LEU A 71 3.84 -7.95 2.85
N SER A 72 4.84 -7.41 2.17
CA SER A 72 4.76 -7.23 0.72
C SER A 72 4.82 -8.59 0.02
N THR A 73 5.59 -9.52 0.60
CA THR A 73 5.70 -10.89 0.11
C THR A 73 4.39 -11.60 0.35
N ILE A 74 3.83 -11.44 1.55
CA ILE A 74 2.60 -12.13 1.89
C ILE A 74 1.47 -11.69 0.97
N LYS A 75 1.40 -10.36 0.74
CA LYS A 75 0.40 -9.74 -0.11
C LYS A 75 0.53 -10.27 -1.56
N ARG A 76 1.75 -10.22 -2.10
CA ARG A 76 2.03 -10.82 -3.39
C ARG A 76 1.47 -12.26 -3.50
N LYS A 77 1.78 -13.11 -2.53
CA LYS A 77 1.37 -14.51 -2.59
C LYS A 77 -0.15 -14.64 -2.61
N LEU A 78 -0.84 -13.82 -1.83
CA LEU A 78 -2.31 -13.79 -1.88
C LEU A 78 -2.84 -13.26 -3.23
N ASP A 79 -2.18 -12.24 -3.79
CA ASP A 79 -2.60 -11.64 -5.06
C ASP A 79 -2.43 -12.61 -6.22
N THR A 80 -1.42 -13.48 -6.14
CA THR A 80 -1.06 -14.34 -7.22
C THR A 80 -1.37 -15.79 -6.86
N GLY A 81 -2.40 -15.99 -6.02
CA GLY A 81 -2.91 -17.32 -5.67
C GLY A 81 -1.88 -18.35 -5.27
N GLN A 82 -0.86 -17.95 -4.53
CA GLN A 82 0.23 -18.87 -4.17
C GLN A 82 -0.03 -19.67 -2.90
N TYR A 83 -1.12 -19.34 -2.20
CA TYR A 83 -1.53 -20.03 -1.00
C TYR A 83 -2.63 -21.02 -1.36
N GLN A 84 -2.42 -22.27 -1.00
CA GLN A 84 -3.36 -23.36 -1.26
C GLN A 84 -4.45 -23.41 -0.17
N GLU A 85 -4.05 -23.21 1.09
CA GLU A 85 -4.96 -23.21 2.23
C GLU A 85 -4.63 -22.05 3.18
N PRO A 86 -5.59 -21.64 4.05
CA PRO A 86 -5.41 -20.50 4.96
C PRO A 86 -4.23 -20.57 5.94
N TRP A 87 -3.93 -21.78 6.46
CA TRP A 87 -2.82 -22.01 7.41
C TRP A 87 -1.44 -21.68 6.86
N GLN A 88 -1.26 -21.67 5.54
CA GLN A 88 0.01 -21.25 4.94
C GLN A 88 0.23 -19.71 5.05
N TYR A 89 -0.87 -18.97 4.89
CA TYR A 89 -0.88 -17.53 5.12
C TYR A 89 -0.62 -17.26 6.59
N VAL A 90 -1.40 -17.88 7.47
CA VAL A 90 -1.23 -17.73 8.88
C VAL A 90 0.24 -18.05 9.25
N ASP A 91 0.81 -19.08 8.63
CA ASP A 91 2.23 -19.45 8.85
C ASP A 91 3.23 -18.38 8.41
N ASP A 92 2.96 -17.71 7.29
CA ASP A 92 3.88 -16.67 6.77
C ASP A 92 3.85 -15.41 7.68
N VAL A 93 2.68 -15.10 8.22
CA VAL A 93 2.52 -13.95 9.13
C VAL A 93 3.32 -14.20 10.42
N TRP A 94 3.09 -15.36 11.05
CA TRP A 94 3.86 -15.76 12.26
C TRP A 94 5.35 -15.90 12.03
N LEU A 95 5.75 -16.41 10.88
CA LEU A 95 7.17 -16.47 10.51
C LEU A 95 7.76 -15.04 10.53
N MET A 96 7.03 -14.07 9.96
CA MET A 96 7.46 -12.65 9.99
C MET A 96 7.63 -12.11 11.42
N PHE A 97 6.66 -12.44 12.29
CA PHE A 97 6.75 -12.01 13.70
C PHE A 97 7.92 -12.67 14.42
N ASN A 98 8.02 -13.99 14.29
CA ASN A 98 9.06 -14.77 14.95
C ASN A 98 10.44 -14.37 14.50
N ASN A 99 10.61 -14.02 13.23
CA ASN A 99 11.92 -13.51 12.77
C ASN A 99 12.29 -12.23 13.50
N ALA A 100 11.29 -11.34 13.67
CA ALA A 100 11.52 -10.02 14.24
C ALA A 100 11.85 -10.13 15.72
N TRP A 101 11.06 -10.90 16.47
CA TRP A 101 11.36 -11.21 17.88
C TRP A 101 12.68 -11.91 18.08
N LEU A 102 13.04 -12.76 17.14
CA LEU A 102 14.30 -13.50 17.18
C LEU A 102 15.50 -12.61 16.99
N TYR A 103 15.43 -11.76 15.96
CA TYR A 103 16.60 -10.92 15.62
C TYR A 103 16.78 -9.72 16.56
N ASN A 104 15.70 -8.99 16.83
CA ASN A 104 15.83 -7.70 17.52
C ASN A 104 15.81 -7.90 19.03
N ARG A 105 16.49 -7.00 19.74
CA ARG A 105 16.48 -7.01 21.19
C ARG A 105 15.14 -6.58 21.71
N LYS A 106 14.81 -7.00 22.92
CA LYS A 106 13.46 -6.78 23.49
C LYS A 106 13.15 -5.31 23.72
N THR A 107 14.19 -4.52 23.93
CA THR A 107 14.07 -3.10 24.15
C THR A 107 13.90 -2.29 22.84
N SER A 108 14.01 -2.94 21.67
CA SER A 108 14.03 -2.25 20.39
C SER A 108 12.63 -1.92 19.83
N ARG A 109 12.57 -0.82 19.08
CA ARG A 109 11.31 -0.37 18.48
C ARG A 109 10.70 -1.50 17.63
N VAL A 110 11.54 -2.20 16.88
CA VAL A 110 11.05 -3.21 15.96
C VAL A 110 10.40 -4.38 16.70
N TYR A 111 11.02 -4.79 17.82
CA TYR A 111 10.46 -5.83 18.70
C TYR A 111 9.08 -5.42 19.25
N LYS A 112 8.99 -4.21 19.79
CA LYS A 112 7.74 -3.68 20.38
C LYS A 112 6.62 -3.53 19.34
N PHE A 113 7.02 -3.10 18.15
CA PHE A 113 6.12 -3.00 17.00
C PHE A 113 5.57 -4.35 16.61
N CYS A 114 6.46 -5.32 16.50
CA CYS A 114 6.06 -6.70 16.25
C CYS A 114 5.02 -7.21 17.25
N SER A 115 5.28 -7.01 18.54
CA SER A 115 4.34 -7.41 19.61
C SER A 115 2.93 -6.87 19.41
N LYS A 116 2.81 -5.58 19.12
CA LYS A 116 1.55 -4.97 18.74
C LYS A 116 0.88 -5.58 17.50
N LEU A 117 1.63 -5.75 16.41
CA LEU A 117 1.08 -6.40 15.19
C LEU A 117 0.51 -7.80 15.44
N ALA A 118 1.16 -8.57 16.33
CA ALA A 118 0.69 -9.92 16.66
C ALA A 118 -0.56 -9.90 17.53
N GLU A 119 -0.65 -8.95 18.46
CA GLU A 119 -1.85 -8.87 19.28
C GLU A 119 -3.04 -8.53 18.38
N VAL A 120 -2.86 -7.57 17.48
CA VAL A 120 -3.86 -7.26 16.47
C VAL A 120 -4.23 -8.45 15.59
N PHE A 121 -3.23 -9.13 15.05
CA PHE A 121 -3.46 -10.22 14.10
C PHE A 121 -4.25 -11.34 14.76
N GLU A 122 -3.85 -11.68 16.00
CA GLU A 122 -4.58 -12.67 16.82
C GLU A 122 -6.06 -12.31 16.97
N GLN A 123 -6.37 -11.02 17.16
CA GLN A 123 -7.75 -10.57 17.27
C GLN A 123 -8.54 -10.60 15.95
N GLU A 124 -7.88 -10.45 14.81
CA GLU A 124 -8.56 -10.45 13.49
C GLU A 124 -8.58 -11.82 12.83
N ILE A 125 -7.56 -12.64 13.09
CA ILE A 125 -7.48 -13.99 12.53
C ILE A 125 -8.50 -14.97 13.17
N ASP A 126 -8.87 -14.74 14.43
CA ASP A 126 -9.84 -15.61 15.12
C ASP A 126 -11.19 -15.76 14.36
N PRO A 127 -12.02 -14.69 14.27
CA PRO A 127 -13.28 -14.87 13.56
C PRO A 127 -13.13 -15.39 12.11
N VAL A 128 -11.99 -15.10 11.46
CA VAL A 128 -11.77 -15.46 10.06
C VAL A 128 -11.54 -16.96 9.86
N MET A 129 -10.75 -17.59 10.71
CA MET A 129 -10.46 -19.03 10.59
C MET A 129 -11.68 -19.87 10.93
N GLN A 130 -12.40 -19.48 11.98
CA GLN A 130 -13.68 -20.09 12.33
C GLN A 130 -14.64 -20.00 11.14
N SER A 131 -14.86 -18.77 10.69
CA SER A 131 -15.71 -18.44 9.52
C SER A 131 -15.54 -19.31 8.25
N LEU A 132 -14.32 -19.77 7.99
CA LEU A 132 -14.03 -20.63 6.81
C LEU A 132 -14.47 -22.07 7.04
N ILE B 20 0.75 31.67 -19.31
CA ILE B 20 2.03 31.98 -18.63
C ILE B 20 2.06 31.40 -17.21
N PHE B 21 2.62 30.19 -17.07
CA PHE B 21 2.80 29.51 -15.76
C PHE B 21 4.15 28.77 -15.61
N LYS B 22 4.85 29.04 -14.51
CA LYS B 22 6.19 28.49 -14.26
C LYS B 22 6.14 27.30 -13.27
N PRO B 23 6.80 26.15 -13.58
CA PRO B 23 6.65 24.93 -12.75
C PRO B 23 7.39 24.80 -11.39
N GLU B 24 8.02 25.85 -10.90
CA GLU B 24 8.67 25.82 -9.57
C GLU B 24 7.76 26.45 -8.51
N GLU B 25 6.91 27.38 -8.93
CA GLU B 25 5.81 27.90 -8.11
C GLU B 25 4.68 26.87 -8.03
N LEU B 26 4.40 26.21 -9.16
CA LEU B 26 3.48 25.06 -9.18
C LEU B 26 3.86 24.01 -8.14
N ARG B 27 5.15 23.73 -7.96
CA ARG B 27 5.61 22.89 -6.86
C ARG B 27 5.21 23.45 -5.51
N GLN B 28 5.51 24.73 -5.28
CA GLN B 28 5.11 25.40 -4.02
C GLN B 28 3.60 25.29 -3.79
N ALA B 29 2.85 25.52 -4.86
CA ALA B 29 1.40 25.61 -4.80
C ALA B 29 0.75 24.23 -4.65
N LEU B 30 1.04 23.33 -5.59
CA LEU B 30 0.39 22.00 -5.72
C LEU B 30 0.96 20.82 -4.91
N MET B 31 2.25 20.84 -4.59
CA MET B 31 2.88 19.73 -3.85
C MET B 31 2.26 19.49 -2.47
N PRO B 32 1.88 20.54 -1.71
CA PRO B 32 1.15 20.23 -0.46
C PRO B 32 -0.10 19.38 -0.67
N THR B 33 -0.83 19.59 -1.79
CA THR B 33 -2.01 18.78 -2.12
C THR B 33 -1.63 17.30 -2.38
N LEU B 34 -0.48 17.09 -3.00
CA LEU B 34 0.01 15.76 -3.32
C LEU B 34 0.48 15.11 -2.07
N GLU B 35 1.26 15.86 -1.28
CA GLU B 35 1.72 15.40 0.03
C GLU B 35 0.57 14.94 0.94
N ALA B 36 -0.57 15.63 0.87
CA ALA B 36 -1.76 15.24 1.66
C ALA B 36 -2.45 13.94 1.18
N LEU B 37 -2.30 13.57 -0.09
CA LEU B 37 -2.67 12.23 -0.54
C LEU B 37 -1.69 11.16 -0.01
N TYR B 38 -0.38 11.35 -0.19
CA TYR B 38 0.63 10.43 0.39
C TYR B 38 0.42 10.21 1.89
N ARG B 39 0.17 11.30 2.61
CA ARG B 39 -0.13 11.27 4.06
C ARG B 39 -1.21 10.25 4.47
N GLN B 40 -2.24 10.04 3.63
CA GLN B 40 -3.30 9.05 3.95
C GLN B 40 -2.71 7.65 3.88
N ASP B 41 -2.78 6.95 5.01
CA ASP B 41 -2.08 5.68 5.21
C ASP B 41 -3.02 4.80 6.06
N PRO B 42 -3.53 3.70 5.51
CA PRO B 42 -2.95 2.99 4.40
C PRO B 42 -3.59 3.25 3.03
N GLU B 43 -4.45 4.26 2.95
CA GLU B 43 -5.28 4.45 1.75
C GLU B 43 -4.49 4.82 0.50
N SER B 44 -3.40 5.57 0.66
CA SER B 44 -2.54 5.90 -0.46
C SER B 44 -1.65 4.78 -0.97
N LEU B 45 -1.43 3.70 -0.21
CA LEU B 45 -0.40 2.71 -0.59
C LEU B 45 -0.62 2.01 -1.95
N PRO B 46 -1.87 1.65 -2.27
CA PRO B 46 -2.12 1.13 -3.63
C PRO B 46 -1.97 2.14 -4.76
N PHE B 47 -1.75 3.42 -4.42
CA PHE B 47 -1.55 4.48 -5.41
C PHE B 47 -0.16 5.09 -5.45
N ARG B 48 0.76 4.58 -4.66
CA ARG B 48 2.14 5.08 -4.68
C ARG B 48 3.04 4.54 -5.78
N GLN B 49 2.51 3.68 -6.66
CA GLN B 49 3.32 3.02 -7.68
C GLN B 49 2.41 2.65 -8.84
N PRO B 50 2.98 2.53 -10.07
CA PRO B 50 2.11 2.11 -11.17
C PRO B 50 1.50 0.72 -10.97
N VAL B 51 0.30 0.54 -11.50
CA VAL B 51 -0.38 -0.74 -11.46
C VAL B 51 0.42 -1.72 -12.30
N ASP B 52 0.81 -2.82 -11.67
CA ASP B 52 1.43 -3.98 -12.31
C ASP B 52 0.41 -5.13 -12.45
N PRO B 53 -0.19 -5.32 -13.65
CA PRO B 53 -1.32 -6.27 -13.76
C PRO B 53 -1.09 -7.71 -13.36
N GLN B 54 0.08 -8.26 -13.67
CA GLN B 54 0.38 -9.65 -13.29
C GLN B 54 0.59 -9.77 -11.79
N LEU B 55 1.43 -8.91 -11.23
CA LEU B 55 1.76 -8.96 -9.78
C LEU B 55 0.56 -8.77 -8.83
N LEU B 56 -0.45 -8.04 -9.30
CA LEU B 56 -1.66 -7.76 -8.55
C LEU B 56 -2.76 -8.77 -8.89
N GLY B 57 -2.59 -9.57 -9.93
CA GLY B 57 -3.55 -10.62 -10.25
C GLY B 57 -4.78 -10.04 -10.89
N ILE B 58 -4.56 -9.06 -11.78
CA ILE B 58 -5.62 -8.37 -12.52
C ILE B 58 -5.15 -8.22 -13.96
N PRO B 59 -4.92 -9.36 -14.63
CA PRO B 59 -4.34 -9.34 -15.99
C PRO B 59 -5.12 -8.56 -17.04
N ASP B 60 -6.45 -8.43 -16.86
CA ASP B 60 -7.29 -7.65 -17.77
C ASP B 60 -7.30 -6.13 -17.54
N TYR B 61 -6.42 -5.61 -16.69
CA TYR B 61 -6.44 -4.18 -16.34
C TYR B 61 -6.46 -3.25 -17.53
N PHE B 62 -5.61 -3.50 -18.51
CA PHE B 62 -5.47 -2.60 -19.67
C PHE B 62 -6.40 -2.91 -20.84
N ASP B 63 -7.27 -3.89 -20.69
CA ASP B 63 -8.48 -3.95 -21.52
C ASP B 63 -9.49 -2.89 -21.12
N ILE B 64 -9.39 -2.35 -19.91
CA ILE B 64 -10.32 -1.35 -19.39
C ILE B 64 -9.66 0.03 -19.28
N VAL B 65 -8.57 0.12 -18.52
CA VAL B 65 -7.85 1.37 -18.33
C VAL B 65 -6.92 1.54 -19.54
N LYS B 66 -6.93 2.71 -20.14
CA LYS B 66 -6.05 3.03 -21.27
C LYS B 66 -4.97 4.09 -20.99
N ASN B 67 -5.07 4.81 -19.86
CA ASN B 67 -4.11 5.85 -19.46
C ASN B 67 -3.84 5.69 -17.96
N PRO B 68 -2.83 4.87 -17.63
CA PRO B 68 -2.54 4.67 -16.23
C PRO B 68 -1.97 5.92 -15.58
N MET B 69 -2.25 6.08 -14.29
CA MET B 69 -1.64 7.15 -13.49
C MET B 69 -1.59 6.72 -12.03
N ASP B 70 -0.56 7.21 -11.34
CA ASP B 70 -0.33 6.94 -9.94
C ASP B 70 0.47 8.10 -9.25
N LEU B 71 0.54 8.09 -7.93
CA LEU B 71 1.16 9.18 -7.23
C LEU B 71 2.63 9.40 -7.65
N SER B 72 3.39 8.34 -7.86
CA SER B 72 4.81 8.47 -8.22
C SER B 72 5.01 9.15 -9.58
N THR B 73 4.12 8.93 -10.53
CA THR B 73 4.20 9.55 -11.85
C THR B 73 3.87 11.02 -11.73
N ILE B 74 2.87 11.31 -10.91
CA ILE B 74 2.44 12.68 -10.67
C ILE B 74 3.52 13.44 -9.93
N LYS B 75 4.11 12.84 -8.91
CA LYS B 75 5.23 13.46 -8.19
C LYS B 75 6.43 13.73 -9.10
N ARG B 76 6.78 12.78 -9.98
CA ARG B 76 7.95 12.97 -10.84
C ARG B 76 7.71 14.10 -11.81
N LYS B 77 6.54 14.15 -12.40
CA LYS B 77 6.14 15.29 -13.26
C LYS B 77 6.14 16.67 -12.57
N LEU B 78 5.67 16.76 -11.32
CA LEU B 78 5.88 17.98 -10.53
C LEU B 78 7.37 18.28 -10.33
N ASP B 79 8.09 17.26 -9.86
CA ASP B 79 9.54 17.33 -9.63
C ASP B 79 10.42 17.71 -10.83
N THR B 80 9.92 17.49 -12.05
CA THR B 80 10.71 17.64 -13.27
C THR B 80 9.97 18.43 -14.35
N GLY B 81 9.07 19.34 -13.95
CA GLY B 81 8.54 20.34 -14.88
C GLY B 81 7.66 19.91 -16.05
N GLN B 82 7.09 18.71 -16.00
CA GLN B 82 6.19 18.28 -17.10
C GLN B 82 4.78 18.85 -16.99
N TYR B 83 4.48 19.63 -15.93
CA TYR B 83 3.23 20.39 -15.84
C TYR B 83 3.45 21.87 -16.18
N GLN B 84 2.72 22.35 -17.21
CA GLN B 84 2.82 23.75 -17.63
C GLN B 84 1.83 24.54 -16.81
N GLU B 85 0.54 24.21 -16.95
CA GLU B 85 -0.53 24.80 -16.14
C GLU B 85 -0.96 23.85 -14.99
N PRO B 86 -1.69 24.38 -13.98
CA PRO B 86 -2.10 23.52 -12.86
C PRO B 86 -3.30 22.59 -13.14
N TRP B 87 -4.12 22.89 -14.14
CA TRP B 87 -5.22 21.98 -14.51
C TRP B 87 -4.77 20.63 -15.06
N GLN B 88 -3.51 20.53 -15.48
CA GLN B 88 -2.94 19.27 -15.95
C GLN B 88 -2.64 18.31 -14.78
N TYR B 89 -2.05 18.86 -13.72
CA TYR B 89 -1.93 18.17 -12.44
C TYR B 89 -3.30 17.69 -11.99
N VAL B 90 -4.28 18.59 -11.99
CA VAL B 90 -5.63 18.25 -11.49
C VAL B 90 -6.25 17.08 -12.27
N ASP B 91 -6.07 17.09 -13.59
CA ASP B 91 -6.69 16.12 -14.47
C ASP B 91 -6.01 14.79 -14.29
N ASP B 92 -4.69 14.82 -14.09
CA ASP B 92 -3.93 13.61 -13.75
C ASP B 92 -4.34 12.95 -12.44
N VAL B 93 -4.57 13.74 -11.41
CA VAL B 93 -5.03 13.25 -10.14
C VAL B 93 -6.41 12.62 -10.31
N TRP B 94 -7.29 13.28 -11.04
CA TRP B 94 -8.60 12.67 -11.33
C TRP B 94 -8.54 11.45 -12.25
N LEU B 95 -7.58 11.42 -13.19
CA LEU B 95 -7.31 10.23 -14.01
C LEU B 95 -6.95 9.01 -13.15
N MET B 96 -6.00 9.19 -12.22
CA MET B 96 -5.64 8.14 -11.25
C MET B 96 -6.85 7.61 -10.47
N PHE B 97 -7.73 8.49 -10.03
CA PHE B 97 -8.87 8.05 -9.23
C PHE B 97 -9.90 7.40 -10.10
N ASN B 98 -10.09 7.97 -11.28
CA ASN B 98 -11.11 7.53 -12.22
C ASN B 98 -10.81 6.13 -12.68
N ASN B 99 -9.55 5.89 -13.05
CA ASN B 99 -9.03 4.55 -13.37
C ASN B 99 -9.42 3.51 -12.32
N ALA B 100 -9.20 3.84 -11.06
CA ALA B 100 -9.49 2.90 -9.98
C ALA B 100 -11.02 2.70 -9.80
N TRP B 101 -11.82 3.74 -9.94
CA TRP B 101 -13.28 3.58 -9.90
C TRP B 101 -13.84 2.84 -11.16
N LEU B 102 -13.12 2.95 -12.28
CA LEU B 102 -13.46 2.29 -13.51
C LEU B 102 -13.20 0.76 -13.42
N TYR B 103 -12.01 0.38 -12.97
CA TYR B 103 -11.62 -1.03 -12.98
C TYR B 103 -12.18 -1.83 -11.80
N ASN B 104 -12.14 -1.25 -10.60
CA ASN B 104 -12.43 -1.99 -9.37
C ASN B 104 -13.94 -2.07 -9.01
N ARG B 105 -14.32 -3.15 -8.36
CA ARG B 105 -15.63 -3.31 -7.74
C ARG B 105 -15.88 -2.30 -6.66
N LYS B 106 -17.15 -1.95 -6.53
CA LYS B 106 -17.56 -0.89 -5.65
C LYS B 106 -17.39 -1.29 -4.19
N THR B 107 -17.49 -2.58 -3.89
CA THR B 107 -17.25 -3.13 -2.53
C THR B 107 -15.76 -3.38 -2.14
N SER B 108 -14.84 -3.34 -3.12
CA SER B 108 -13.42 -3.58 -2.87
C SER B 108 -12.81 -2.45 -2.07
N ARG B 109 -11.88 -2.78 -1.19
CA ARG B 109 -11.08 -1.82 -0.41
C ARG B 109 -10.35 -0.75 -1.27
N VAL B 110 -9.86 -1.13 -2.44
CA VAL B 110 -9.14 -0.20 -3.32
C VAL B 110 -10.09 0.90 -3.82
N TYR B 111 -11.32 0.50 -4.14
CA TYR B 111 -12.38 1.47 -4.48
C TYR B 111 -12.63 2.45 -3.34
N LYS B 112 -12.73 1.93 -2.12
CA LYS B 112 -13.05 2.76 -0.96
C LYS B 112 -11.86 3.63 -0.65
N PHE B 113 -10.68 3.07 -0.70
CA PHE B 113 -9.48 3.89 -0.57
C PHE B 113 -9.45 5.04 -1.59
N CYS B 114 -9.83 4.75 -2.84
CA CYS B 114 -9.93 5.75 -3.87
C CYS B 114 -10.87 6.87 -3.45
N SER B 115 -12.04 6.53 -2.92
CA SER B 115 -13.02 7.54 -2.51
C SER B 115 -12.51 8.39 -1.33
N LYS B 116 -11.85 7.77 -0.36
CA LYS B 116 -11.16 8.53 0.69
C LYS B 116 -10.14 9.59 0.16
N LEU B 117 -9.23 9.17 -0.72
CA LEU B 117 -8.25 10.11 -1.27
C LEU B 117 -8.86 11.22 -2.09
N ALA B 118 -9.96 10.89 -2.76
CA ALA B 118 -10.65 11.80 -3.64
C ALA B 118 -11.30 12.92 -2.82
N GLU B 119 -11.96 12.52 -1.74
CA GLU B 119 -12.51 13.43 -0.74
C GLU B 119 -11.47 14.39 -0.22
N VAL B 120 -10.35 13.85 0.23
CA VAL B 120 -9.22 14.64 0.70
C VAL B 120 -8.74 15.60 -0.39
N PHE B 121 -8.60 15.10 -1.62
CA PHE B 121 -8.06 15.87 -2.68
C PHE B 121 -8.95 17.06 -3.02
N GLU B 122 -10.27 16.83 -2.98
CA GLU B 122 -11.23 17.88 -3.30
C GLU B 122 -11.13 19.03 -2.35
N GLN B 123 -10.94 18.75 -1.06
CA GLN B 123 -10.84 19.83 -0.08
C GLN B 123 -9.47 20.50 -0.09
N GLU B 124 -8.40 19.76 -0.31
CA GLU B 124 -7.09 20.38 -0.49
C GLU B 124 -7.02 21.31 -1.69
N ILE B 125 -7.61 20.90 -2.80
CA ILE B 125 -7.29 21.52 -4.09
C ILE B 125 -8.12 22.77 -4.38
N ASP B 126 -9.31 22.86 -3.81
CA ASP B 126 -10.16 24.00 -4.08
C ASP B 126 -9.52 25.40 -3.73
N PRO B 127 -9.14 25.66 -2.45
CA PRO B 127 -8.48 26.92 -2.10
C PRO B 127 -7.20 27.20 -2.88
N VAL B 128 -6.42 26.15 -3.16
CA VAL B 128 -5.20 26.31 -3.96
C VAL B 128 -5.54 26.76 -5.38
N MET B 129 -6.60 26.20 -5.97
CA MET B 129 -7.01 26.59 -7.34
C MET B 129 -7.81 27.88 -7.40
N GLN B 130 -8.57 28.19 -6.35
CA GLN B 130 -9.27 29.48 -6.25
C GLN B 130 -8.26 30.62 -6.15
N SER B 131 -7.17 30.38 -5.40
CA SER B 131 -6.01 31.28 -5.41
C SER B 131 -5.49 31.48 -6.83
N LEU B 132 -5.08 30.40 -7.48
CA LEU B 132 -4.54 30.48 -8.85
C LEU B 132 -5.67 30.42 -9.89
CAM GI5 C . 10.14 3.12 12.13
CAL GI5 C . 9.22 3.87 13.09
CAK GI5 C . 8.98 5.31 12.77
CAJ GI5 C . 10.28 5.91 12.23
OAI GI5 C . 10.36 5.31 10.88
CAH GI5 C . 10.04 3.84 10.76
OAG GI5 C . 10.84 3.12 9.78
CAF GI5 C . 10.13 2.67 8.65
CAE GI5 C . 10.94 1.78 7.90
CAN GI5 C . 11.53 0.67 8.53
CAD GI5 C . 11.14 1.96 6.51
CAC GI5 C . 11.95 1.05 5.81
CAB GI5 C . 12.17 1.23 4.43
OBF GI5 C . 12.47 0.26 3.71
OAA GI5 C . 12.13 2.38 3.93
CBE GI5 C . 12.53 -0.04 6.47
CAO GI5 C . 12.36 -0.24 7.84
NAP GI5 C . 12.89 -1.35 8.44
CAQ GI5 C . 13.56 -1.36 9.63
OBD GI5 C . 13.76 -0.33 10.27
CAR GI5 C . 13.89 -2.58 10.19
CAS GI5 C . 13.14 -3.69 10.13
CAY GI5 C . 14.95 -2.89 10.98
CAZ GI5 C . 16.01 -2.13 11.38
CBA GI5 C . 17.01 -2.68 12.19
CBB GI5 C . 16.90 -4.02 12.58
CBC GI5 C . 15.79 -4.76 12.14
CAX GI5 C . 14.84 -4.20 11.36
NAT GI5 C . 13.71 -4.70 10.81
CAU GI5 C . 13.22 -5.97 10.96
OAW GI5 C . 13.75 -6.82 11.67
CAV GI5 C . 11.81 -6.27 10.37
C1 GOL D . -18.60 -2.48 -12.39
O1 GOL D . -19.59 -2.70 -11.36
C2 GOL D . -17.19 -2.42 -11.77
O2 GOL D . -16.31 -3.35 -12.41
C3 GOL D . -16.60 -1.01 -11.82
O3 GOL D . -16.98 -0.29 -10.63
C1 PEG E . -12.59 -6.32 -11.28
O1 PEG E . -14.00 -6.20 -11.10
C2 PEG E . -11.80 -6.28 -9.97
O2 PEG E . -12.53 -5.58 -8.93
C3 PEG E . -12.06 -5.81 -7.58
C4 PEG E . -10.99 -4.78 -7.24
O4 PEG E . -10.09 -5.17 -6.20
CAM GI5 F . -3.06 -1.30 1.63
CAL GI5 F . -3.84 -1.96 2.77
CAK GI5 F . -4.48 -3.16 2.24
CAJ GI5 F . -3.36 -4.13 2.01
OAI GI5 F . -2.56 -3.59 0.86
CAH GI5 F . -2.01 -2.30 1.16
OAG GI5 F . -1.47 -1.81 -0.03
CAF GI5 F . -0.16 -2.20 -0.32
CAE GI5 F . 0.08 -2.11 -1.70
CAN GI5 F . -0.95 -2.11 -2.68
CAD GI5 F . 1.41 -2.03 -2.09
CAC GI5 F . 1.72 -1.95 -3.45
CAB GI5 F . 3.07 -1.88 -3.87
OBF GI5 F . 3.95 -1.61 -3.04
OAA GI5 F . 3.40 -2.10 -5.08
CBE GI5 F . 0.69 -1.98 -4.42
CAO GI5 F . -0.65 -2.07 -4.06
NAP GI5 F . -1.57 -1.99 -5.07
CAQ GI5 F . -2.69 -2.77 -5.13
OBD GI5 F . -2.93 -3.61 -4.27
CAR GI5 F . -3.63 -2.47 -6.08
CAS GI5 F . -3.76 -1.27 -6.66
CAY GI5 F . -4.64 -3.25 -6.53
CAZ GI5 F . -4.98 -4.53 -6.28
CBA GI5 F . -6.09 -5.13 -6.92
CBB GI5 F . -6.82 -4.39 -7.83
CBC GI5 F . -6.42 -3.07 -8.05
CAX GI5 F . -5.35 -2.52 -7.41
NAT GI5 F . -4.79 -1.28 -7.50
CAU GI5 F . -5.22 -0.22 -8.25
OAW GI5 F . -6.26 -0.20 -8.89
CAV GI5 F . -4.46 1.10 -8.15
#